data_4MKQ
#
_entry.id   4MKQ
#
_cell.length_a   129.458
_cell.length_b   129.458
_cell.length_c   78.888
_cell.angle_alpha   90.00
_cell.angle_beta   90.00
_cell.angle_gamma   120.00
#
_symmetry.space_group_name_H-M   'P 64'
#
loop_
_entity.id
_entity.type
_entity.pdbx_description
1 polymer MONALYSIN
2 polymer Monalysin
3 water water
#
loop_
_entity_poly.entity_id
_entity_poly.type
_entity_poly.pdbx_seq_one_letter_code
_entity_poly.pdbx_strand_id
1 'polypeptide(L)'
;SGRFDQYPTKKGDFAIDGYLLDYSSPKQGCWVDGITVYGDIYIGKQNWGTYTRPVFAYLQYVETISGSGTFVIYQVVLVY
AHNATSAGRQNANAFAYSKTQAVGSRVDLYYLSAITQRKRVIVPSSNAVTPLDWDTVQRNVLMENYNPGSNSGHFSFDWS
AYNDPHRRY
;
A,B
2 'polypeptide(L)' QPQSHSIELDEVSKEAASTRAALTSNL C,D
#
# COMPACT_ATOMS: atom_id res chain seq x y z
N SER A 1 -7.60 -23.80 -8.36
CA SER A 1 -8.98 -24.26 -8.49
C SER A 1 -9.97 -23.07 -8.51
N GLY A 2 -11.27 -23.37 -8.65
CA GLY A 2 -12.37 -22.40 -8.62
C GLY A 2 -12.56 -21.77 -7.25
N ARG A 3 -11.62 -22.08 -6.31
CA ARG A 3 -11.53 -21.57 -4.95
C ARG A 3 -11.12 -20.09 -5.05
N PHE A 4 -10.42 -19.74 -6.16
CA PHE A 4 -9.96 -18.40 -6.50
C PHE A 4 -11.12 -17.42 -6.67
N ASP A 5 -12.24 -17.90 -7.23
CA ASP A 5 -13.45 -17.11 -7.44
C ASP A 5 -14.16 -16.84 -6.11
N GLN A 6 -14.03 -17.78 -5.15
CA GLN A 6 -14.61 -17.68 -3.80
C GLN A 6 -13.93 -16.63 -2.92
N TYR A 7 -12.68 -16.27 -3.25
CA TYR A 7 -11.91 -15.27 -2.49
C TYR A 7 -12.59 -13.91 -2.53
N PRO A 8 -12.73 -13.23 -1.36
CA PRO A 8 -13.39 -11.91 -1.36
C PRO A 8 -12.50 -10.80 -1.90
N THR A 9 -13.06 -9.60 -2.07
CA THR A 9 -12.35 -8.41 -2.53
C THR A 9 -12.12 -7.49 -1.33
N LYS A 10 -10.89 -6.98 -1.19
CA LYS A 10 -10.53 -6.05 -0.11
C LYS A 10 -9.95 -4.76 -0.70
N LYS A 11 -10.14 -3.63 0.00
CA LYS A 11 -9.68 -2.32 -0.43
C LYS A 11 -9.03 -1.61 0.76
N GLY A 12 -7.80 -1.16 0.60
CA GLY A 12 -7.04 -0.48 1.65
C GLY A 12 -6.11 -1.40 2.41
N ASP A 13 -4.86 -0.94 2.64
CA ASP A 13 -3.76 -1.66 3.29
C ASP A 13 -4.16 -2.45 4.53
N PHE A 14 -4.79 -1.78 5.51
CA PHE A 14 -5.21 -2.39 6.78
C PHE A 14 -6.33 -3.41 6.62
N ALA A 15 -7.20 -3.25 5.60
CA ALA A 15 -8.29 -4.20 5.32
C ALA A 15 -7.74 -5.49 4.73
N ILE A 16 -6.75 -5.37 3.82
CA ILE A 16 -6.05 -6.49 3.18
C ILE A 16 -5.28 -7.28 4.25
N ASP A 17 -4.46 -6.58 5.06
CA ASP A 17 -3.67 -7.18 6.14
C ASP A 17 -4.57 -7.78 7.21
N GLY A 18 -5.61 -7.03 7.61
CA GLY A 18 -6.59 -7.44 8.61
C GLY A 18 -7.31 -8.73 8.28
N TYR A 19 -7.67 -8.91 6.99
CA TYR A 19 -8.36 -10.11 6.51
C TYR A 19 -7.41 -11.32 6.44
N LEU A 20 -6.23 -11.13 5.82
CA LEU A 20 -5.25 -12.21 5.60
C LEU A 20 -4.50 -12.63 6.85
N LEU A 21 -3.83 -11.66 7.52
CA LEU A 21 -3.03 -11.90 8.72
C LEU A 21 -3.90 -12.03 9.97
N ASP A 22 -4.86 -12.96 9.91
CA ASP A 22 -5.79 -13.28 11.00
C ASP A 22 -5.18 -14.49 11.71
N TYR A 23 -4.79 -14.32 13.00
CA TYR A 23 -4.18 -15.42 13.76
C TYR A 23 -5.13 -16.60 14.02
N SER A 24 -6.44 -16.30 14.27
CA SER A 24 -7.44 -17.31 14.57
C SER A 24 -7.79 -18.19 13.38
N SER A 25 -7.76 -17.59 12.17
CA SER A 25 -8.03 -18.27 10.90
C SER A 25 -7.32 -17.55 9.74
N PRO A 26 -6.03 -17.84 9.46
CA PRO A 26 -5.35 -17.16 8.34
C PRO A 26 -5.97 -17.53 6.99
N LYS A 27 -6.06 -16.55 6.08
CA LYS A 27 -6.66 -16.76 4.76
C LYS A 27 -5.65 -16.81 3.63
N GLN A 28 -5.88 -17.72 2.67
CA GLN A 28 -5.01 -17.96 1.53
C GLN A 28 -4.80 -16.70 0.68
N GLY A 29 -5.90 -16.07 0.28
CA GLY A 29 -5.83 -14.88 -0.54
C GLY A 29 -7.12 -14.08 -0.63
N CYS A 30 -7.03 -12.92 -1.27
CA CYS A 30 -8.14 -12.01 -1.51
C CYS A 30 -7.82 -11.16 -2.74
N TRP A 31 -8.87 -10.77 -3.47
CA TRP A 31 -8.75 -9.88 -4.62
C TRP A 31 -8.58 -8.47 -4.07
N VAL A 32 -7.87 -7.60 -4.80
CA VAL A 32 -7.61 -6.25 -4.33
C VAL A 32 -8.16 -5.19 -5.29
N ASP A 33 -9.00 -4.28 -4.77
CA ASP A 33 -9.52 -3.15 -5.52
C ASP A 33 -8.55 -2.02 -5.22
N GLY A 34 -7.82 -1.59 -6.24
CA GLY A 34 -6.82 -0.56 -6.09
C GLY A 34 -6.74 0.45 -7.21
N ILE A 35 -5.95 1.50 -6.95
CA ILE A 35 -5.71 2.66 -7.81
C ILE A 35 -4.73 2.30 -8.93
N THR A 36 -4.97 2.83 -10.14
CA THR A 36 -4.07 2.66 -11.28
C THR A 36 -3.17 3.90 -11.32
N VAL A 37 -1.87 3.67 -11.48
CA VAL A 37 -0.84 4.70 -11.57
C VAL A 37 -0.14 4.59 -12.91
N TYR A 38 0.67 5.60 -13.30
CA TYR A 38 1.42 5.59 -14.55
C TYR A 38 2.81 6.17 -14.37
N GLY A 39 3.81 5.47 -14.88
CA GLY A 39 5.21 5.86 -14.81
C GLY A 39 6.12 4.82 -15.42
N ASP A 40 7.42 5.13 -15.48
CA ASP A 40 8.42 4.27 -16.07
C ASP A 40 8.81 3.07 -15.23
N ILE A 41 8.84 1.90 -15.86
CA ILE A 41 9.27 0.61 -15.31
C ILE A 41 10.23 0.01 -16.35
N TYR A 42 11.42 -0.41 -15.89
CA TYR A 42 12.45 -0.99 -16.75
C TYR A 42 12.17 -2.47 -17.02
N ILE A 43 12.05 -2.83 -18.31
CA ILE A 43 11.86 -4.21 -18.79
C ILE A 43 12.80 -4.43 -19.97
N GLY A 44 13.62 -5.48 -19.88
CA GLY A 44 14.57 -5.87 -20.91
C GLY A 44 15.74 -4.93 -21.09
N LYS A 45 15.65 -4.05 -22.09
CA LYS A 45 16.72 -3.11 -22.46
C LYS A 45 16.44 -1.63 -22.17
N GLN A 46 15.19 -1.28 -21.81
CA GLN A 46 14.79 0.12 -21.57
C GLN A 46 13.59 0.30 -20.63
N ASN A 47 13.22 1.58 -20.38
CA ASN A 47 12.07 1.99 -19.58
C ASN A 47 10.84 2.09 -20.46
N TRP A 48 9.68 1.72 -19.90
CA TRP A 48 8.40 1.78 -20.60
C TRP A 48 7.39 2.48 -19.72
N GLY A 49 6.55 3.30 -20.33
CA GLY A 49 5.45 3.98 -19.66
C GLY A 49 4.47 2.90 -19.27
N THR A 50 4.43 2.55 -17.97
CA THR A 50 3.64 1.45 -17.46
C THR A 50 2.50 1.88 -16.53
N TYR A 51 1.32 1.26 -16.73
CA TYR A 51 0.15 1.42 -15.88
C TYR A 51 0.27 0.32 -14.82
N THR A 52 0.08 0.65 -13.54
CA THR A 52 0.23 -0.31 -12.45
C THR A 52 -0.93 -0.19 -11.46
N ARG A 53 -1.48 -1.33 -11.05
CA ARG A 53 -2.55 -1.39 -10.06
C ARG A 53 -2.51 -2.68 -9.24
N PRO A 54 -2.78 -2.65 -7.91
CA PRO A 54 -2.83 -3.92 -7.16
C PRO A 54 -4.06 -4.71 -7.59
N VAL A 55 -3.95 -6.04 -7.65
CA VAL A 55 -5.07 -6.87 -8.12
C VAL A 55 -5.42 -8.01 -7.18
N PHE A 56 -4.42 -8.52 -6.46
CA PHE A 56 -4.57 -9.67 -5.56
C PHE A 56 -3.54 -9.59 -4.44
N ALA A 57 -3.79 -10.31 -3.35
CA ALA A 57 -2.90 -10.41 -2.20
C ALA A 57 -3.01 -11.80 -1.62
N TYR A 58 -1.88 -12.42 -1.28
CA TYR A 58 -1.89 -13.78 -0.73
C TYR A 58 -0.88 -13.99 0.39
N LEU A 59 -1.15 -14.98 1.27
CA LEU A 59 -0.26 -15.34 2.38
C LEU A 59 0.92 -16.17 1.91
N GLN A 60 2.12 -15.88 2.45
CA GLN A 60 3.36 -16.57 2.12
C GLN A 60 4.04 -17.09 3.39
N TYR A 61 4.58 -18.33 3.32
CA TYR A 61 5.32 -18.95 4.42
C TYR A 61 6.64 -18.24 4.64
N VAL A 62 6.90 -17.81 5.88
CA VAL A 62 8.14 -17.13 6.26
C VAL A 62 9.08 -18.16 6.86
N GLU A 63 8.65 -18.79 7.96
CA GLU A 63 9.39 -19.76 8.77
C GLU A 63 8.43 -20.64 9.57
N THR A 64 8.97 -21.68 10.22
CA THR A 64 8.27 -22.60 11.11
C THR A 64 9.18 -22.75 12.34
N ILE A 65 8.75 -22.23 13.51
CA ILE A 65 9.58 -22.26 14.71
C ILE A 65 9.28 -23.47 15.62
N SER A 66 10.34 -23.96 16.31
CA SER A 66 10.35 -25.11 17.21
C SER A 66 9.80 -24.84 18.61
N GLY A 67 9.21 -25.87 19.20
CA GLY A 67 8.62 -25.88 20.53
C GLY A 67 7.93 -27.21 20.83
N SER A 68 6.95 -27.30 21.78
CA SER A 68 6.34 -26.36 22.73
C SER A 68 5.84 -24.97 22.16
N GLY A 69 5.14 -24.92 21.03
CA GLY A 69 4.81 -25.98 20.09
C GLY A 69 5.27 -25.62 18.68
N THR A 70 4.65 -26.21 17.66
CA THR A 70 5.00 -25.89 16.28
C THR A 70 4.20 -24.66 15.85
N PHE A 71 4.91 -23.56 15.57
CA PHE A 71 4.31 -22.30 15.13
C PHE A 71 4.70 -21.98 13.71
N VAL A 72 3.81 -21.28 13.01
CA VAL A 72 3.97 -20.92 11.62
C VAL A 72 3.85 -19.39 11.43
N ILE A 73 4.84 -18.76 10.78
CA ILE A 73 4.87 -17.32 10.50
C ILE A 73 4.47 -17.05 9.05
N TYR A 74 3.49 -16.16 8.86
CA TYR A 74 2.98 -15.75 7.55
C TYR A 74 3.29 -14.29 7.25
N GLN A 75 3.34 -13.96 5.95
CA GLN A 75 3.62 -12.63 5.39
C GLN A 75 2.61 -12.41 4.26
N VAL A 76 2.39 -11.15 3.86
CA VAL A 76 1.48 -10.82 2.74
C VAL A 76 2.29 -10.48 1.49
N VAL A 77 1.96 -11.13 0.38
CA VAL A 77 2.54 -10.84 -0.93
C VAL A 77 1.47 -10.06 -1.70
N LEU A 78 1.78 -8.80 -2.04
CA LEU A 78 0.86 -7.94 -2.78
C LEU A 78 1.17 -8.06 -4.28
N VAL A 79 0.16 -8.51 -5.04
CA VAL A 79 0.26 -8.75 -6.48
C VAL A 79 -0.27 -7.54 -7.25
N TYR A 80 0.58 -7.01 -8.14
CA TYR A 80 0.29 -5.86 -9.01
C TYR A 80 0.14 -6.34 -10.44
N ALA A 81 -0.70 -5.65 -11.23
CA ALA A 81 -0.88 -5.93 -12.65
C ALA A 81 -0.33 -4.76 -13.41
N HIS A 82 0.35 -5.03 -14.53
CA HIS A 82 0.99 -3.97 -15.31
C HIS A 82 0.63 -4.02 -16.78
N ASN A 83 0.60 -2.85 -17.41
CA ASN A 83 0.48 -2.68 -18.85
C ASN A 83 1.68 -1.82 -19.24
N ALA A 84 2.76 -2.48 -19.65
CA ALA A 84 3.97 -1.79 -20.08
C ALA A 84 3.77 -1.47 -21.56
N THR A 85 3.34 -0.23 -21.83
CA THR A 85 3.03 0.24 -23.20
C THR A 85 4.25 0.18 -24.10
N SER A 86 4.06 -0.41 -25.31
CA SER A 86 5.04 -0.59 -26.38
C SER A 86 6.10 -1.69 -26.12
N ALA A 87 6.10 -2.29 -24.90
CA ALA A 87 7.07 -3.31 -24.48
C ALA A 87 6.90 -4.70 -25.09
N GLY A 88 5.72 -4.99 -25.66
CA GLY A 88 5.37 -6.29 -26.23
C GLY A 88 6.12 -6.76 -27.46
N ARG A 89 6.74 -5.85 -28.21
CA ARG A 89 7.50 -6.19 -29.41
C ARG A 89 8.87 -6.82 -29.07
N GLN A 90 9.53 -6.28 -28.05
CA GLN A 90 10.87 -6.76 -27.64
C GLN A 90 10.86 -7.63 -26.37
N ASN A 91 9.76 -7.64 -25.60
CA ASN A 91 9.67 -8.38 -24.34
C ASN A 91 8.47 -9.33 -24.22
N ALA A 92 7.99 -9.87 -25.37
CA ALA A 92 6.86 -10.81 -25.41
C ALA A 92 7.14 -12.12 -24.64
N ASN A 93 8.43 -12.52 -24.55
CA ASN A 93 8.85 -13.75 -23.86
C ASN A 93 9.69 -13.49 -22.59
N ALA A 94 9.71 -12.23 -22.11
CA ALA A 94 10.44 -11.82 -20.91
C ALA A 94 9.90 -12.45 -19.62
N PHE A 95 8.58 -12.71 -19.57
CA PHE A 95 7.91 -13.31 -18.40
C PHE A 95 7.22 -14.62 -18.77
N ALA A 96 7.17 -15.57 -17.82
CA ALA A 96 6.53 -16.87 -18.01
C ALA A 96 5.03 -16.73 -18.26
N TYR A 97 4.38 -15.81 -17.51
CA TYR A 97 2.95 -15.52 -17.64
C TYR A 97 2.78 -14.08 -18.07
N SER A 98 2.44 -13.88 -19.35
CA SER A 98 2.23 -12.56 -19.93
C SER A 98 1.27 -12.61 -21.11
N LYS A 99 0.71 -11.43 -21.47
CA LYS A 99 -0.20 -11.27 -22.58
C LYS A 99 0.19 -10.02 -23.36
N THR A 100 -0.04 -10.05 -24.67
CA THR A 100 0.23 -8.91 -25.55
C THR A 100 -1.07 -8.36 -26.14
N GLN A 101 -1.12 -7.04 -26.38
CA GLN A 101 -2.29 -6.38 -26.92
C GLN A 101 -1.85 -5.25 -27.85
N ALA A 102 -2.36 -5.27 -29.09
CA ALA A 102 -2.03 -4.27 -30.09
C ALA A 102 -2.93 -3.05 -29.98
N VAL A 103 -2.31 -1.86 -30.08
CA VAL A 103 -2.96 -0.55 -30.08
C VAL A 103 -2.33 0.11 -31.31
N GLY A 104 -2.90 -0.17 -32.47
CA GLY A 104 -2.35 0.28 -33.73
C GLY A 104 -1.16 -0.59 -34.06
N SER A 105 0.01 0.02 -34.34
CA SER A 105 1.25 -0.71 -34.61
C SER A 105 1.96 -1.12 -33.31
N ARG A 106 1.65 -0.40 -32.21
CA ARG A 106 2.18 -0.58 -30.86
C ARG A 106 1.70 -1.90 -30.22
N VAL A 107 2.59 -2.59 -29.47
CA VAL A 107 2.28 -3.85 -28.76
C VAL A 107 2.51 -3.64 -27.27
N ASP A 108 1.42 -3.67 -26.48
CA ASP A 108 1.43 -3.52 -25.02
C ASP A 108 1.75 -4.83 -24.34
N LEU A 109 2.46 -4.77 -23.20
CA LEU A 109 2.82 -5.98 -22.45
C LEU A 109 2.11 -6.05 -21.10
N TYR A 110 1.26 -7.06 -20.95
CA TYR A 110 0.48 -7.30 -19.73
C TYR A 110 1.10 -8.43 -18.93
N TYR A 111 1.52 -8.12 -17.71
CA TYR A 111 2.17 -9.06 -16.79
C TYR A 111 1.86 -8.69 -15.33
N LEU A 112 2.24 -9.58 -14.40
CA LEU A 112 2.05 -9.44 -12.97
C LEU A 112 3.39 -9.40 -12.21
N SER A 113 3.46 -8.61 -11.14
CA SER A 113 4.62 -8.53 -10.27
C SER A 113 4.18 -8.69 -8.81
N ALA A 114 5.07 -9.22 -7.98
CA ALA A 114 4.79 -9.47 -6.57
C ALA A 114 5.75 -8.72 -5.65
N ILE A 115 5.21 -8.08 -4.61
CA ILE A 115 5.95 -7.34 -3.60
C ILE A 115 5.62 -7.91 -2.21
N THR A 116 6.65 -8.37 -1.49
CA THR A 116 6.49 -8.91 -0.14
C THR A 116 6.38 -7.75 0.86
N GLN A 117 5.32 -7.76 1.68
CA GLN A 117 5.07 -6.74 2.70
C GLN A 117 5.84 -7.09 3.99
N ARG A 118 6.02 -6.10 4.88
CA ARG A 118 6.77 -6.32 6.13
C ARG A 118 5.97 -7.04 7.22
N LYS A 119 4.69 -6.66 7.44
CA LYS A 119 3.82 -7.22 8.47
C LYS A 119 3.74 -8.75 8.44
N ARG A 120 3.93 -9.38 9.60
CA ARG A 120 3.92 -10.83 9.80
C ARG A 120 3.01 -11.24 10.96
N VAL A 121 2.49 -12.48 10.91
CA VAL A 121 1.62 -13.03 11.96
C VAL A 121 2.09 -14.43 12.37
N ILE A 122 2.12 -14.70 13.67
CA ILE A 122 2.47 -16.00 14.22
C ILE A 122 1.18 -16.78 14.50
N VAL A 123 1.04 -17.93 13.83
CA VAL A 123 -0.14 -18.79 13.88
C VAL A 123 0.24 -20.20 14.38
N PRO A 124 -0.53 -20.85 15.29
CA PRO A 124 -0.20 -22.24 15.68
C PRO A 124 -0.47 -23.19 14.51
N SER A 125 0.37 -24.23 14.34
CA SER A 125 0.28 -25.24 13.26
C SER A 125 -1.12 -25.84 13.04
N SER A 126 -1.95 -25.86 14.11
CA SER A 126 -3.33 -26.37 14.08
C SER A 126 -4.24 -25.45 13.24
N ASN A 127 -3.94 -24.13 13.22
CA ASN A 127 -4.69 -23.11 12.48
C ASN A 127 -4.03 -22.79 11.13
N ALA A 128 -2.83 -23.37 10.85
CA ALA A 128 -2.08 -23.14 9.61
C ALA A 128 -2.82 -23.57 8.34
N VAL A 129 -2.65 -22.78 7.26
CA VAL A 129 -3.24 -23.01 5.94
C VAL A 129 -2.17 -23.29 4.90
N THR A 130 -2.55 -23.91 3.77
CA THR A 130 -1.65 -24.21 2.66
C THR A 130 -1.54 -22.93 1.80
N PRO A 131 -0.35 -22.26 1.76
CA PRO A 131 -0.24 -21.03 0.96
C PRO A 131 -0.29 -21.29 -0.53
N LEU A 132 -0.79 -20.31 -1.29
CA LEU A 132 -0.86 -20.35 -2.74
C LEU A 132 0.56 -20.10 -3.27
N ASP A 133 0.89 -20.66 -4.43
CA ASP A 133 2.20 -20.43 -5.03
C ASP A 133 2.11 -19.37 -6.12
N TRP A 134 3.21 -18.66 -6.39
CA TRP A 134 3.31 -17.58 -7.38
C TRP A 134 2.87 -17.99 -8.79
N ASP A 135 3.12 -19.25 -9.17
CA ASP A 135 2.77 -19.84 -10.46
C ASP A 135 1.24 -19.92 -10.62
N THR A 136 0.53 -20.41 -9.58
CA THR A 136 -0.94 -20.56 -9.53
C THR A 136 -1.61 -19.18 -9.55
N VAL A 137 -1.08 -18.22 -8.75
CA VAL A 137 -1.58 -16.84 -8.64
C VAL A 137 -1.58 -16.17 -10.02
N GLN A 138 -0.44 -16.20 -10.74
CA GLN A 138 -0.29 -15.63 -12.08
C GLN A 138 -1.26 -16.23 -13.10
N ARG A 139 -1.46 -17.58 -13.03
CA ARG A 139 -2.34 -18.33 -13.91
C ARG A 139 -3.81 -17.94 -13.70
N ASN A 140 -4.24 -17.82 -12.44
CA ASN A 140 -5.60 -17.45 -12.11
C ASN A 140 -5.91 -15.97 -12.26
N VAL A 141 -5.03 -15.10 -11.77
CA VAL A 141 -5.24 -13.66 -11.81
C VAL A 141 -5.11 -13.09 -13.24
N LEU A 142 -3.97 -13.28 -13.92
CA LEU A 142 -3.74 -12.74 -15.26
C LEU A 142 -4.31 -13.58 -16.38
N MET A 143 -3.89 -14.85 -16.49
CA MET A 143 -4.26 -15.75 -17.57
C MET A 143 -5.75 -16.07 -17.64
N GLU A 144 -6.33 -16.53 -16.52
CA GLU A 144 -7.73 -16.93 -16.46
C GLU A 144 -8.74 -15.82 -16.12
N ASN A 145 -8.32 -14.75 -15.40
CA ASN A 145 -9.28 -13.72 -14.98
C ASN A 145 -9.01 -12.28 -15.44
N TYR A 146 -8.33 -12.11 -16.59
CA TYR A 146 -8.12 -10.78 -17.18
C TYR A 146 -8.01 -10.87 -18.69
N ASN A 147 -8.77 -10.01 -19.39
CA ASN A 147 -8.77 -9.95 -20.84
C ASN A 147 -8.28 -8.57 -21.30
N PRO A 148 -7.02 -8.45 -21.80
CA PRO A 148 -6.52 -7.15 -22.26
C PRO A 148 -7.33 -6.56 -23.42
N GLY A 149 -7.91 -7.42 -24.24
CA GLY A 149 -8.72 -7.05 -25.40
C GLY A 149 -9.94 -6.21 -25.08
N SER A 150 -10.54 -6.44 -23.91
CA SER A 150 -11.73 -5.73 -23.43
C SER A 150 -11.50 -4.97 -22.11
N ASN A 151 -10.29 -5.12 -21.51
CA ASN A 151 -9.90 -4.54 -20.22
C ASN A 151 -10.99 -4.87 -19.19
N SER A 152 -11.23 -6.19 -19.00
CA SER A 152 -12.25 -6.72 -18.11
C SER A 152 -11.90 -8.12 -17.58
N GLY A 153 -12.63 -8.53 -16.55
CA GLY A 153 -12.47 -9.81 -15.86
C GLY A 153 -12.70 -9.61 -14.39
N HIS A 154 -11.78 -10.09 -13.55
CA HIS A 154 -11.88 -9.90 -12.11
C HIS A 154 -11.36 -8.52 -11.67
N PHE A 155 -10.81 -7.75 -12.63
CA PHE A 155 -10.27 -6.41 -12.48
C PHE A 155 -10.13 -5.73 -13.85
N SER A 156 -9.90 -4.41 -13.84
CA SER A 156 -9.65 -3.60 -15.03
C SER A 156 -8.79 -2.39 -14.67
N PHE A 157 -7.95 -1.94 -15.61
CA PHE A 157 -7.08 -0.79 -15.40
C PHE A 157 -7.83 0.49 -15.64
N ASP A 158 -7.47 1.54 -14.88
CA ASP A 158 -8.01 2.87 -15.04
C ASP A 158 -6.97 3.67 -15.82
N TRP A 159 -7.20 3.84 -17.13
CA TRP A 159 -6.28 4.56 -18.01
C TRP A 159 -6.18 6.07 -17.73
N SER A 160 -7.10 6.64 -16.91
CA SER A 160 -7.12 8.07 -16.54
C SER A 160 -5.88 8.48 -15.74
N ALA A 161 -5.14 7.49 -15.19
CA ALA A 161 -3.89 7.64 -14.43
C ALA A 161 -2.89 8.50 -15.20
N TYR A 162 -2.83 8.33 -16.54
CA TYR A 162 -1.99 9.06 -17.49
C TYR A 162 -2.23 10.57 -17.40
N ASN A 163 -3.46 10.99 -17.03
CA ASN A 163 -3.82 12.41 -16.96
C ASN A 163 -3.89 12.97 -15.52
N ASP A 164 -3.66 12.12 -14.50
CA ASP A 164 -3.65 12.56 -13.10
C ASP A 164 -2.19 12.73 -12.63
N PRO A 165 -1.75 13.98 -12.32
CA PRO A 165 -0.36 14.17 -11.85
C PRO A 165 -0.06 13.49 -10.51
N HIS A 166 -1.11 13.26 -9.68
CA HIS A 166 -1.04 12.60 -8.38
C HIS A 166 -0.70 11.12 -8.55
N ARG A 167 -1.16 10.52 -9.66
CA ARG A 167 -0.96 9.11 -10.01
C ARG A 167 0.13 8.90 -11.07
N ARG A 168 0.96 9.93 -11.30
CA ARG A 168 2.09 9.87 -12.25
C ARG A 168 3.40 10.05 -11.50
N TYR A 169 4.49 9.43 -12.01
CA TYR A 169 5.81 9.51 -11.37
C TYR A 169 6.96 9.48 -12.38
N SER B 1 7.02 25.05 8.92
CA SER B 1 6.96 24.54 7.55
C SER B 1 5.55 24.74 6.92
N GLY B 2 5.47 25.44 5.78
CA GLY B 2 6.58 26.03 5.04
C GLY B 2 7.01 25.08 3.94
N ARG B 3 7.92 24.15 4.30
CA ARG B 3 8.42 23.10 3.41
C ARG B 3 7.34 22.02 3.27
N PHE B 4 6.67 21.70 4.41
CA PHE B 4 5.59 20.69 4.49
C PHE B 4 4.39 21.00 3.60
N ASP B 5 4.08 22.29 3.41
CA ASP B 5 2.98 22.71 2.56
C ASP B 5 3.34 22.59 1.09
N GLN B 6 4.63 22.77 0.74
CA GLN B 6 5.17 22.68 -0.62
C GLN B 6 5.22 21.25 -1.14
N TYR B 7 5.24 20.24 -0.24
CA TYR B 7 5.29 18.83 -0.62
C TYR B 7 4.07 18.45 -1.46
N PRO B 8 4.26 17.72 -2.59
CA PRO B 8 3.11 17.36 -3.43
C PRO B 8 2.29 16.21 -2.85
N THR B 9 1.13 15.92 -3.47
CA THR B 9 0.24 14.83 -3.09
C THR B 9 0.41 13.70 -4.11
N LYS B 10 0.55 12.45 -3.61
CA LYS B 10 0.67 11.26 -4.45
C LYS B 10 -0.41 10.25 -4.08
N LYS B 11 -0.84 9.45 -5.08
CA LYS B 11 -1.89 8.45 -4.92
C LYS B 11 -1.44 7.16 -5.61
N GLY B 12 -1.45 6.05 -4.86
CA GLY B 12 -1.05 4.74 -5.36
C GLY B 12 0.39 4.40 -5.01
N ASP B 13 0.61 3.15 -4.55
CA ASP B 13 1.89 2.60 -4.08
C ASP B 13 3.10 2.97 -4.96
N PHE B 14 3.02 2.66 -6.26
CA PHE B 14 4.11 2.91 -7.20
C PHE B 14 4.36 4.40 -7.47
N ALA B 15 3.33 5.26 -7.33
CA ALA B 15 3.47 6.71 -7.52
C ALA B 15 4.19 7.32 -6.32
N ILE B 16 3.88 6.86 -5.10
CA ILE B 16 4.49 7.28 -3.84
C ILE B 16 5.98 6.87 -3.85
N ASP B 17 6.26 5.59 -4.14
CA ASP B 17 7.61 5.04 -4.20
C ASP B 17 8.41 5.68 -5.34
N GLY B 18 7.78 5.81 -6.51
CA GLY B 18 8.38 6.41 -7.70
C GLY B 18 8.85 7.84 -7.50
N TYR B 19 8.06 8.64 -6.77
CA TYR B 19 8.38 10.03 -6.46
C TYR B 19 9.50 10.14 -5.43
N LEU B 20 9.39 9.40 -4.30
CA LEU B 20 10.35 9.45 -3.19
C LEU B 20 11.67 8.76 -3.48
N LEU B 21 11.63 7.48 -3.92
CA LEU B 21 12.82 6.66 -4.21
C LEU B 21 13.47 6.97 -5.58
N ASP B 22 13.71 8.26 -5.83
CA ASP B 22 14.34 8.79 -7.04
C ASP B 22 15.85 8.77 -6.78
N TYR B 23 16.62 8.06 -7.62
CA TYR B 23 18.08 8.01 -7.41
C TYR B 23 18.78 9.33 -7.80
N SER B 24 18.23 10.05 -8.80
CA SER B 24 18.74 11.34 -9.27
C SER B 24 18.55 12.46 -8.23
N SER B 25 17.34 12.55 -7.66
CA SER B 25 16.98 13.55 -6.66
C SER B 25 16.00 12.96 -5.62
N PRO B 26 16.47 12.23 -4.58
CA PRO B 26 15.53 11.68 -3.59
C PRO B 26 14.77 12.78 -2.86
N LYS B 27 13.46 12.57 -2.63
CA LYS B 27 12.60 13.56 -1.99
C LYS B 27 12.27 13.26 -0.55
N GLN B 28 12.25 14.32 0.29
CA GLN B 28 11.99 14.24 1.73
C GLN B 28 10.64 13.59 2.04
N GLY B 29 9.58 14.10 1.43
CA GLY B 29 8.24 13.59 1.67
C GLY B 29 7.20 14.04 0.67
N CYS B 30 6.01 13.46 0.81
CA CYS B 30 4.83 13.75 -0.02
C CYS B 30 3.57 13.41 0.78
N TRP B 31 2.49 14.14 0.51
CA TRP B 31 1.19 13.89 1.11
C TRP B 31 0.59 12.70 0.37
N VAL B 32 -0.25 11.91 1.04
CA VAL B 32 -0.83 10.71 0.43
C VAL B 32 -2.34 10.77 0.43
N ASP B 33 -2.95 10.62 -0.77
CA ASP B 33 -4.41 10.53 -0.93
C ASP B 33 -4.70 9.02 -0.92
N GLY B 34 -5.38 8.57 0.13
CA GLY B 34 -5.68 7.16 0.31
C GLY B 34 -7.06 6.84 0.82
N ILE B 35 -7.38 5.54 0.78
CA ILE B 35 -8.64 4.93 1.17
C ILE B 35 -8.75 4.83 2.69
N THR B 36 -9.97 5.06 3.23
CA THR B 36 -10.25 4.91 4.66
C THR B 36 -10.85 3.52 4.85
N VAL B 37 -10.35 2.80 5.84
CA VAL B 37 -10.79 1.45 6.21
C VAL B 37 -11.31 1.48 7.65
N TYR B 38 -11.98 0.41 8.10
CA TYR B 38 -12.50 0.30 9.45
C TYR B 38 -12.33 -1.10 10.01
N GLY B 39 -11.82 -1.19 11.24
CA GLY B 39 -11.58 -2.44 11.94
C GLY B 39 -10.93 -2.22 13.28
N ASP B 40 -10.75 -3.31 14.03
CA ASP B 40 -10.17 -3.27 15.37
C ASP B 40 -8.65 -3.07 15.39
N ILE B 41 -8.21 -2.15 16.25
CA ILE B 41 -6.81 -1.82 16.55
C ILE B 41 -6.72 -1.77 18.08
N TYR B 42 -5.74 -2.50 18.65
CA TYR B 42 -5.52 -2.57 20.09
C TYR B 42 -4.75 -1.35 20.59
N ILE B 43 -5.33 -0.61 21.55
CA ILE B 43 -4.71 0.55 22.20
C ILE B 43 -4.98 0.42 23.70
N GLY B 44 -3.92 0.47 24.49
CA GLY B 44 -3.97 0.40 25.95
C GLY B 44 -4.35 -0.96 26.51
N LYS B 45 -5.64 -1.12 26.87
CA LYS B 45 -6.16 -2.34 27.49
C LYS B 45 -7.12 -3.17 26.62
N GLN B 46 -7.56 -2.63 25.47
CA GLN B 46 -8.53 -3.31 24.60
C GLN B 46 -8.47 -2.90 23.12
N ASN B 47 -9.34 -3.51 22.30
CA ASN B 47 -9.51 -3.24 20.88
C ASN B 47 -10.55 -2.13 20.69
N TRP B 48 -10.33 -1.28 19.69
CA TRP B 48 -11.23 -0.18 19.35
C TRP B 48 -11.51 -0.20 17.87
N GLY B 49 -12.77 0.06 17.51
CA GLY B 49 -13.18 0.19 16.12
C GLY B 49 -12.51 1.43 15.58
N THR B 50 -11.48 1.23 14.76
CA THR B 50 -10.64 2.32 14.25
C THR B 50 -10.75 2.53 12.75
N TYR B 51 -10.83 3.83 12.35
CA TYR B 51 -10.81 4.27 10.96
C TYR B 51 -9.34 4.52 10.65
N THR B 52 -8.84 4.00 9.52
CA THR B 52 -7.43 4.15 9.15
C THR B 52 -7.29 4.56 7.68
N ARG B 53 -6.41 5.53 7.42
CA ARG B 53 -6.13 6.00 6.07
C ARG B 53 -4.68 6.50 5.93
N PRO B 54 -3.97 6.23 4.81
CA PRO B 54 -2.62 6.81 4.66
C PRO B 54 -2.75 8.32 4.46
N VAL B 55 -1.81 9.10 5.00
CA VAL B 55 -1.89 10.56 4.91
C VAL B 55 -0.62 11.22 4.40
N PHE B 56 0.53 10.59 4.67
CA PHE B 56 1.85 11.11 4.32
C PHE B 56 2.84 9.96 4.14
N ALA B 57 3.94 10.23 3.44
CA ALA B 57 5.02 9.28 3.22
C ALA B 57 6.33 10.04 3.19
N TYR B 58 7.37 9.52 3.86
CA TYR B 58 8.68 10.19 3.91
C TYR B 58 9.86 9.23 3.82
N LEU B 59 11.02 9.74 3.34
CA LEU B 59 12.25 8.96 3.23
C LEU B 59 12.95 8.84 4.58
N GLN B 60 13.48 7.65 4.85
CA GLN B 60 14.19 7.34 6.08
C GLN B 60 15.56 6.74 5.75
N TYR B 61 16.61 7.26 6.42
CA TYR B 61 17.99 6.80 6.29
C TYR B 61 18.12 5.38 6.83
N VAL B 62 18.68 4.46 6.02
CA VAL B 62 18.87 3.06 6.40
C VAL B 62 20.32 2.85 6.86
N GLU B 63 21.27 2.96 5.91
CA GLU B 63 22.71 2.78 6.14
C GLU B 63 23.53 3.42 5.02
N THR B 64 24.86 3.43 5.21
CA THR B 64 25.83 3.94 4.25
C THR B 64 26.66 2.77 3.71
N ILE B 65 26.85 2.72 2.40
CA ILE B 65 27.65 1.72 1.70
C ILE B 65 28.90 2.45 1.19
N SER B 66 30.08 2.01 1.65
CA SER B 66 31.34 2.63 1.28
C SER B 66 32.07 1.87 0.18
N GLY B 67 32.98 2.57 -0.49
CA GLY B 67 33.79 2.04 -1.58
C GLY B 67 34.31 3.15 -2.45
N SER B 68 33.79 3.23 -3.67
CA SER B 68 34.16 4.28 -4.63
C SER B 68 32.91 4.86 -5.33
N GLY B 69 32.24 5.83 -4.70
CA GLY B 69 32.61 6.38 -3.40
C GLY B 69 31.65 5.96 -2.30
N THR B 70 31.14 6.95 -1.56
CA THR B 70 30.18 6.77 -0.46
C THR B 70 28.74 6.86 -1.00
N PHE B 71 27.91 5.85 -0.68
CA PHE B 71 26.51 5.76 -1.10
C PHE B 71 25.58 5.64 0.11
N VAL B 72 24.38 6.23 0.02
CA VAL B 72 23.37 6.27 1.09
C VAL B 72 22.11 5.48 0.68
N ILE B 73 21.58 4.65 1.61
CA ILE B 73 20.37 3.86 1.38
C ILE B 73 19.16 4.52 2.07
N TYR B 74 18.06 4.67 1.32
CA TYR B 74 16.80 5.25 1.80
C TYR B 74 15.63 4.28 1.69
N GLN B 75 14.65 4.42 2.61
CA GLN B 75 13.43 3.61 2.71
C GLN B 75 12.24 4.56 2.75
N VAL B 76 11.04 4.07 2.37
CA VAL B 76 9.82 4.84 2.45
C VAL B 76 9.11 4.46 3.76
N VAL B 77 8.74 5.47 4.53
CA VAL B 77 7.96 5.29 5.75
C VAL B 77 6.57 5.80 5.40
N LEU B 78 5.56 4.93 5.50
CA LEU B 78 4.18 5.27 5.19
C LEU B 78 3.45 5.63 6.47
N VAL B 79 2.95 6.88 6.53
CA VAL B 79 2.25 7.43 7.68
C VAL B 79 0.74 7.31 7.50
N TYR B 80 0.09 6.68 8.49
CA TYR B 80 -1.35 6.46 8.55
C TYR B 80 -1.95 7.34 9.63
N ALA B 81 -3.21 7.76 9.44
CA ALA B 81 -3.95 8.54 10.43
C ALA B 81 -5.07 7.66 10.93
N HIS B 82 -5.35 7.72 12.23
CA HIS B 82 -6.37 6.88 12.84
C HIS B 82 -7.36 7.65 13.67
N ASN B 83 -8.60 7.14 13.72
CA ASN B 83 -9.66 7.60 14.60
C ASN B 83 -10.10 6.35 15.35
N ALA B 84 -9.52 6.14 16.53
CA ALA B 84 -9.88 5.00 17.36
C ALA B 84 -11.09 5.43 18.18
N THR B 85 -12.29 5.04 17.71
CA THR B 85 -13.57 5.41 18.32
C THR B 85 -13.69 4.91 19.74
N SER B 86 -14.09 5.80 20.67
CA SER B 86 -14.30 5.59 22.11
C SER B 86 -13.00 5.45 22.94
N ALA B 87 -11.82 5.42 22.28
CA ALA B 87 -10.51 5.24 22.92
C ALA B 87 -9.97 6.45 23.70
N GLY B 88 -10.52 7.63 23.44
CA GLY B 88 -10.08 8.89 24.04
C GLY B 88 -10.20 9.04 25.54
N ARG B 89 -11.15 8.33 26.18
CA ARG B 89 -11.38 8.40 27.62
C ARG B 89 -10.27 7.69 28.42
N GLN B 90 -9.82 6.52 27.92
CA GLN B 90 -8.81 5.66 28.53
C GLN B 90 -7.38 5.93 28.00
N ASN B 91 -7.25 6.36 26.73
CA ASN B 91 -5.95 6.52 26.09
C ASN B 91 -5.62 7.94 25.57
N ALA B 92 -6.10 9.00 26.25
CA ALA B 92 -5.84 10.40 25.89
C ALA B 92 -4.34 10.77 25.94
N ASN B 93 -3.58 10.09 26.82
CA ASN B 93 -2.14 10.34 27.01
C ASN B 93 -1.24 9.18 26.54
N ALA B 94 -1.83 8.19 25.80
CA ALA B 94 -1.12 7.03 25.27
C ALA B 94 -0.06 7.37 24.23
N PHE B 95 -0.30 8.44 23.44
CA PHE B 95 0.63 8.90 22.40
C PHE B 95 1.09 10.33 22.65
N ALA B 96 2.34 10.64 22.26
CA ALA B 96 2.94 11.96 22.42
C ALA B 96 2.18 13.02 21.60
N TYR B 97 1.77 12.65 20.38
CA TYR B 97 1.01 13.51 19.47
C TYR B 97 -0.35 12.88 19.21
N SER B 98 -1.40 13.43 19.84
CA SER B 98 -2.75 12.94 19.69
C SER B 98 -3.79 14.03 19.93
N LYS B 99 -5.02 13.80 19.46
CA LYS B 99 -6.15 14.72 19.63
C LYS B 99 -7.38 13.92 20.01
N THR B 100 -8.26 14.53 20.80
CA THR B 100 -9.52 13.92 21.22
C THR B 100 -10.70 14.68 20.64
N GLN B 101 -11.81 13.97 20.35
CA GLN B 101 -13.02 14.55 19.78
C GLN B 101 -14.24 13.85 20.35
N ALA B 102 -15.17 14.63 20.91
CA ALA B 102 -16.40 14.10 21.50
C ALA B 102 -17.49 13.93 20.46
N VAL B 103 -18.18 12.79 20.52
CA VAL B 103 -19.33 12.42 19.68
C VAL B 103 -20.34 11.95 20.74
N GLY B 104 -21.06 12.92 21.29
CA GLY B 104 -21.98 12.67 22.39
C GLY B 104 -21.17 12.48 23.65
N SER B 105 -21.39 11.37 24.37
CA SER B 105 -20.63 11.03 25.58
C SER B 105 -19.28 10.37 25.24
N ARG B 106 -19.20 9.78 24.03
CA ARG B 106 -18.05 9.08 23.46
C ARG B 106 -16.89 10.03 23.15
N VAL B 107 -15.64 9.59 23.40
CA VAL B 107 -14.41 10.37 23.12
C VAL B 107 -13.55 9.59 22.14
N ASP B 108 -13.40 10.11 20.91
CA ASP B 108 -12.60 9.51 19.84
C ASP B 108 -11.12 9.89 19.98
N LEU B 109 -10.22 8.98 19.61
CA LEU B 109 -8.79 9.23 19.69
C LEU B 109 -8.14 9.32 18.31
N TYR B 110 -7.61 10.49 17.99
CA TYR B 110 -6.94 10.80 16.74
C TYR B 110 -5.45 10.80 16.93
N TYR B 111 -4.76 9.90 16.22
CA TYR B 111 -3.30 9.74 16.28
C TYR B 111 -2.75 9.23 14.93
N LEU B 112 -1.42 9.22 14.82
CA LEU B 112 -0.69 8.78 13.63
C LEU B 112 0.21 7.57 13.92
N SER B 113 0.33 6.66 12.95
CA SER B 113 1.21 5.49 13.03
C SER B 113 2.08 5.41 11.77
N ALA B 114 3.28 4.85 11.92
CA ALA B 114 4.24 4.73 10.82
C ALA B 114 4.60 3.27 10.54
N ILE B 115 4.59 2.89 9.26
CA ILE B 115 4.95 1.54 8.79
C ILE B 115 6.08 1.67 7.77
N THR B 116 7.23 1.05 8.08
CA THR B 116 8.39 1.04 7.21
C THR B 116 8.15 0.03 6.09
N GLN B 117 8.25 0.49 4.83
CA GLN B 117 8.05 -0.35 3.64
C GLN B 117 9.37 -1.06 3.29
N ARG B 118 9.30 -2.15 2.51
CA ARG B 118 10.48 -2.94 2.16
C ARG B 118 11.40 -2.29 1.10
N LYS B 119 10.81 -1.71 0.04
CA LYS B 119 11.52 -1.04 -1.07
C LYS B 119 12.55 -0.02 -0.60
N ARG B 120 13.76 -0.08 -1.18
CA ARG B 120 14.88 0.80 -0.86
C ARG B 120 15.53 1.42 -2.11
N VAL B 121 16.24 2.55 -1.92
CA VAL B 121 16.95 3.24 -3.00
C VAL B 121 18.40 3.53 -2.57
N ILE B 122 19.36 3.27 -3.46
CA ILE B 122 20.78 3.52 -3.23
C ILE B 122 21.16 4.78 -4.03
N VAL B 123 21.53 5.83 -3.30
CA VAL B 123 21.82 7.16 -3.82
C VAL B 123 23.26 7.60 -3.47
N PRO B 124 24.05 8.20 -4.41
CA PRO B 124 25.39 8.70 -4.05
C PRO B 124 25.27 9.84 -3.03
N SER B 125 26.16 9.86 -2.01
CA SER B 125 26.18 10.85 -0.92
C SER B 125 26.09 12.33 -1.36
N SER B 126 26.39 12.62 -2.64
CA SER B 126 26.31 13.96 -3.24
C SER B 126 24.84 14.34 -3.53
N ASN B 127 23.99 13.35 -3.82
CA ASN B 127 22.56 13.54 -4.09
C ASN B 127 21.71 13.29 -2.84
N ALA B 128 22.36 13.00 -1.69
CA ALA B 128 21.71 12.74 -0.41
C ALA B 128 20.97 13.95 0.15
N VAL B 129 19.81 13.70 0.78
CA VAL B 129 18.94 14.71 1.40
C VAL B 129 18.88 14.52 2.92
N THR B 130 18.40 15.56 3.64
CA THR B 130 18.21 15.50 5.09
C THR B 130 16.83 14.88 5.34
N PRO B 131 16.73 13.64 5.87
CA PRO B 131 15.40 13.05 6.10
C PRO B 131 14.63 13.74 7.21
N LEU B 132 13.30 13.72 7.10
CA LEU B 132 12.41 14.28 8.12
C LEU B 132 12.38 13.30 9.28
N ASP B 133 12.16 13.81 10.50
CA ASP B 133 12.07 12.93 11.67
C ASP B 133 10.60 12.73 12.05
N TRP B 134 10.31 11.57 12.70
CA TRP B 134 8.97 11.15 13.12
C TRP B 134 8.23 12.19 13.97
N ASP B 135 8.96 12.97 14.78
CA ASP B 135 8.38 14.03 15.62
C ASP B 135 7.85 15.20 14.78
N THR B 136 8.65 15.68 13.80
CA THR B 136 8.30 16.77 12.89
C THR B 136 7.10 16.38 12.00
N VAL B 137 7.08 15.11 11.53
CA VAL B 137 6.01 14.54 10.71
C VAL B 137 4.68 14.58 11.46
N GLN B 138 4.64 14.04 12.69
CA GLN B 138 3.44 14.03 13.55
C GLN B 138 2.92 15.43 13.87
N ARG B 139 3.83 16.38 14.12
CA ARG B 139 3.52 17.77 14.44
C ARG B 139 2.89 18.50 13.25
N ASN B 140 3.44 18.29 12.06
CA ASN B 140 2.93 18.92 10.84
C ASN B 140 1.69 18.25 10.29
N VAL B 141 1.67 16.92 10.20
CA VAL B 141 0.55 16.17 9.63
C VAL B 141 -0.70 16.21 10.53
N LEU B 142 -0.59 15.74 11.79
CA LEU B 142 -1.74 15.69 12.70
C LEU B 142 -2.03 17.00 13.43
N MET B 143 -1.05 17.53 14.17
CA MET B 143 -1.23 18.72 15.00
C MET B 143 -1.53 19.99 14.23
N GLU B 144 -0.72 20.31 13.21
CA GLU B 144 -0.87 21.53 12.42
C GLU B 144 -1.78 21.42 11.19
N ASN B 145 -1.95 20.22 10.60
CA ASN B 145 -2.73 20.11 9.36
C ASN B 145 -3.95 19.16 9.38
N TYR B 146 -4.55 18.96 10.56
CA TYR B 146 -5.78 18.19 10.68
C TYR B 146 -6.63 18.67 11.85
N ASN B 147 -7.92 18.90 11.60
CA ASN B 147 -8.88 19.34 12.59
C ASN B 147 -9.97 18.28 12.78
N PRO B 148 -9.95 17.49 13.88
CA PRO B 148 -10.98 16.47 14.10
C PRO B 148 -12.40 17.04 14.22
N GLY B 149 -12.50 18.28 14.72
CA GLY B 149 -13.76 18.99 14.91
C GLY B 149 -14.56 19.22 13.65
N SER B 150 -13.86 19.39 12.50
CA SER B 150 -14.49 19.62 11.20
C SER B 150 -14.10 18.54 10.16
N ASN B 151 -13.22 17.59 10.55
CA ASN B 151 -12.70 16.52 9.68
C ASN B 151 -12.18 17.15 8.38
N SER B 152 -11.22 18.08 8.53
CA SER B 152 -10.63 18.85 7.43
C SER B 152 -9.20 19.31 7.73
N GLY B 153 -8.50 19.74 6.67
CA GLY B 153 -7.12 20.19 6.72
C GLY B 153 -6.42 19.75 5.46
N HIS B 154 -5.25 19.11 5.61
CA HIS B 154 -4.51 18.58 4.46
C HIS B 154 -5.03 17.20 4.03
N PHE B 155 -6.01 16.66 4.80
CA PHE B 155 -6.68 15.39 4.58
C PHE B 155 -7.96 15.31 5.43
N SER B 156 -8.81 14.31 5.12
CA SER B 156 -10.05 14.02 5.86
C SER B 156 -10.38 12.54 5.75
N PHE B 157 -11.00 11.98 6.79
CA PHE B 157 -11.39 10.58 6.82
C PHE B 157 -12.70 10.37 6.09
N ASP B 158 -12.84 9.20 5.45
CA ASP B 158 -14.07 8.81 4.78
C ASP B 158 -14.76 7.82 5.72
N TRP B 159 -15.78 8.31 6.44
CA TRP B 159 -16.52 7.51 7.41
C TRP B 159 -17.38 6.39 6.79
N SER B 160 -17.59 6.41 5.45
CA SER B 160 -18.37 5.41 4.71
C SER B 160 -17.74 4.01 4.79
N ALA B 161 -16.45 3.93 5.19
CA ALA B 161 -15.66 2.71 5.38
C ALA B 161 -16.41 1.72 6.27
N TYR B 162 -17.11 2.24 7.31
CA TYR B 162 -17.92 1.50 8.28
C TYR B 162 -19.03 0.69 7.57
N ASN B 163 -19.50 1.17 6.41
CA ASN B 163 -20.59 0.51 5.67
C ASN B 163 -20.12 -0.28 4.42
N ASP B 164 -18.80 -0.25 4.12
CA ASP B 164 -18.24 -1.00 3.00
C ASP B 164 -17.58 -2.29 3.52
N PRO B 165 -18.12 -3.49 3.18
CA PRO B 165 -17.50 -4.74 3.67
C PRO B 165 -16.09 -4.99 3.12
N HIS B 166 -15.77 -4.37 1.96
CA HIS B 166 -14.45 -4.45 1.29
C HIS B 166 -13.41 -3.70 2.09
N ARG B 167 -13.82 -2.62 2.79
CA ARG B 167 -12.97 -1.76 3.61
C ARG B 167 -13.12 -2.05 5.12
N ARG B 168 -13.70 -3.20 5.47
CA ARG B 168 -13.88 -3.64 6.86
C ARG B 168 -13.11 -4.91 7.11
N TYR B 169 -12.61 -5.11 8.34
CA TYR B 169 -11.84 -6.31 8.70
C TYR B 169 -12.06 -6.76 10.14
N GLN C 1 -8.95 3.58 -24.55
CA GLN C 1 -7.68 3.11 -25.09
C GLN C 1 -6.48 3.67 -24.31
N PRO C 2 -5.52 2.80 -23.85
CA PRO C 2 -4.40 3.30 -23.05
C PRO C 2 -3.42 4.23 -23.79
N GLN C 3 -3.15 5.40 -23.20
CA GLN C 3 -2.23 6.40 -23.74
C GLN C 3 -0.79 6.02 -23.41
N SER C 4 0.15 6.39 -24.29
CA SER C 4 1.56 6.06 -24.13
C SER C 4 2.50 7.22 -24.48
N HIS C 5 3.67 7.24 -23.83
CA HIS C 5 4.75 8.20 -24.10
C HIS C 5 6.04 7.43 -24.44
N SER C 6 6.00 6.08 -24.26
CA SER C 6 7.09 5.13 -24.50
C SER C 6 7.74 5.31 -25.88
N ILE C 7 9.08 5.31 -25.90
CA ILE C 7 9.88 5.48 -27.12
C ILE C 7 10.77 4.24 -27.25
N GLU C 8 10.59 3.48 -28.34
CA GLU C 8 11.37 2.27 -28.63
C GLU C 8 12.76 2.62 -29.14
N LEU C 9 13.80 2.01 -28.53
CA LEU C 9 15.23 2.16 -28.82
C LEU C 9 15.72 3.60 -28.65
N GLN D 1 -20.62 12.21 10.59
CA GLN D 1 -20.19 11.84 11.94
C GLN D 1 -19.74 10.37 11.99
N PRO D 2 -18.53 10.06 12.54
CA PRO D 2 -18.04 8.68 12.54
C PRO D 2 -18.86 7.69 13.37
N GLN D 3 -19.24 6.56 12.75
CA GLN D 3 -19.99 5.47 13.38
C GLN D 3 -19.05 4.60 14.20
N SER D 4 -19.55 4.01 15.29
CA SER D 4 -18.76 3.17 16.18
C SER D 4 -19.50 1.92 16.65
N HIS D 5 -18.74 0.85 16.93
CA HIS D 5 -19.22 -0.41 17.49
C HIS D 5 -18.47 -0.71 18.80
N SER D 6 -17.40 0.09 19.09
CA SER D 6 -16.52 0.01 20.24
C SER D 6 -17.28 -0.07 21.56
N ILE D 7 -16.85 -1.00 22.44
CA ILE D 7 -17.44 -1.23 23.75
C ILE D 7 -16.38 -0.99 24.82
N GLU D 8 -16.59 0.01 25.68
CA GLU D 8 -15.68 0.36 26.77
C GLU D 8 -15.90 -0.57 27.96
N LEU D 9 -14.82 -1.19 28.46
CA LEU D 9 -14.88 -2.12 29.59
C LEU D 9 -13.79 -1.84 30.63
#